data_4A8T
#
_entry.id   4A8T
#
_cell.length_a   89.990
_cell.length_b   89.990
_cell.length_c   184.320
_cell.angle_alpha   90.00
_cell.angle_beta   90.00
_cell.angle_gamma   120.00
#
_symmetry.space_group_name_H-M   'P 63 2 2'
#
loop_
_entity.id
_entity.type
_entity.pdbx_description
1 polymer 'PUTRESCINE CARBAMOYLTRANSFERASE'
2 non-polymer N-(PHOSPHONOACETYL)-L-ORNITHINE
3 non-polymer 'NICKEL (II) ION'
4 non-polymer 'TRIETHYLENE GLYCOL'
5 water water
#
_entity_poly.entity_id   1
_entity_poly.type   'polypeptide(L)'
_entity_poly.pdbx_seq_one_letter_code
;MHHHHHHSSGVDLGTENLYFQSMKRDYVTTETYTKEEMHYLVDLSLKIKEAIKNGYYPQLLKNKSLGMIFQQSSTRTRVS
FETAMEQLGGHGEYLAPGQIQLGGHETIEDTSRVLSRLVDILMARVERHHSIVDLANCATIPVINGMSDYNHPTQELGDL
CTMVEHLPEGKKLEDCKVVFVGDATQVCFSLGLITTKMGMNFVHFGPEGFQLNEEHQAKLAKNCEVSGGSFLVTDDASSV
EGADFLYTDVWYGLYEAELSEEERMKVFYPKYQVNQEMMDRAGANCKFMHCLPATRGEEVTDEVIDGKNSICFDEAENRL
TSIRGLLVYLMNDYEAKNP
;
_entity_poly.pdbx_strand_id   A
#
# COMPACT_ATOMS: atom_id res chain seq x y z
N SER A 22 9.92 -21.66 -9.31
CA SER A 22 10.67 -20.66 -10.10
C SER A 22 12.01 -20.36 -9.45
N MET A 23 12.70 -19.34 -9.95
CA MET A 23 13.99 -18.91 -9.42
C MET A 23 13.94 -17.52 -8.75
N LYS A 24 12.74 -16.97 -8.60
CA LYS A 24 12.55 -15.71 -7.86
C LYS A 24 11.09 -15.60 -7.46
N ARG A 25 10.79 -14.56 -6.69
CA ARG A 25 9.41 -14.24 -6.33
C ARG A 25 9.22 -12.75 -6.49
N ASP A 26 8.03 -12.35 -6.96
CA ASP A 26 7.70 -10.94 -7.11
C ASP A 26 6.72 -10.47 -6.04
N TYR A 27 6.57 -9.16 -5.95
CA TYR A 27 5.55 -8.55 -5.07
C TYR A 27 4.76 -7.55 -5.91
N VAL A 28 3.90 -8.10 -6.76
CA VAL A 28 3.04 -7.31 -7.65
C VAL A 28 1.65 -7.13 -7.04
N THR A 29 1.15 -8.16 -6.39
CA THR A 29 -0.10 -8.11 -5.67
C THR A 29 -0.07 -9.06 -4.48
N THR A 30 -0.71 -8.68 -3.37
CA THR A 30 -0.83 -9.56 -2.22
C THR A 30 -1.76 -10.74 -2.50
N GLU A 31 -2.43 -10.74 -3.64
CA GLU A 31 -3.24 -11.90 -4.05
C GLU A 31 -2.42 -13.17 -4.15
N THR A 32 -1.11 -13.05 -4.35
CA THR A 32 -0.23 -14.22 -4.42
C THR A 32 0.44 -14.58 -3.09
N TYR A 33 -0.01 -13.95 -2.00
CA TYR A 33 0.54 -14.18 -0.67
C TYR A 33 -0.55 -14.69 0.26
N THR A 34 -0.19 -15.65 1.10
CA THR A 34 -1.12 -16.12 2.12
C THR A 34 -1.10 -15.23 3.35
N LYS A 35 -2.08 -15.40 4.22
CA LYS A 35 -2.14 -14.69 5.49
C LYS A 35 -0.88 -14.95 6.30
N GLU A 36 -0.40 -16.19 6.28
CA GLU A 36 0.77 -16.56 7.04
C GLU A 36 2.01 -15.83 6.51
N GLU A 37 2.12 -15.72 5.20
CA GLU A 37 3.23 -14.99 4.60
C GLU A 37 3.17 -13.50 4.93
N MET A 38 1.97 -12.93 4.92
CA MET A 38 1.84 -11.52 5.29
C MET A 38 2.20 -11.30 6.75
N HIS A 39 1.78 -12.19 7.64
CA HIS A 39 2.19 -12.11 9.04
C HIS A 39 3.71 -12.20 9.18
N TYR A 40 4.32 -13.09 8.42
CA TYR A 40 5.77 -13.21 8.47
C TYR A 40 6.43 -11.89 8.04
N LEU A 41 5.89 -11.28 6.99
CA LEU A 41 6.41 -10.00 6.50
C LEU A 41 6.25 -8.91 7.55
N VAL A 42 5.10 -8.86 8.21
CA VAL A 42 4.92 -7.90 9.31
C VAL A 42 5.92 -8.15 10.43
N ASP A 43 6.04 -9.40 10.86
CA ASP A 43 6.91 -9.73 11.98
C ASP A 43 8.36 -9.39 11.67
N LEU A 44 8.81 -9.71 10.46
CA LEU A 44 10.17 -9.39 10.02
C LEU A 44 10.39 -7.88 10.01
N SER A 45 9.43 -7.16 9.44
CA SER A 45 9.50 -5.70 9.37
C SER A 45 9.59 -5.08 10.77
N LEU A 46 8.77 -5.55 11.70
CA LEU A 46 8.77 -4.98 13.04
C LEU A 46 10.05 -5.31 13.80
N LYS A 47 10.63 -6.50 13.57
CA LYS A 47 11.92 -6.83 14.21
C LYS A 47 13.01 -5.89 13.74
N ILE A 48 13.06 -5.61 12.44
CA ILE A 48 14.05 -4.71 11.88
C ILE A 48 13.83 -3.29 12.42
N LYS A 49 12.57 -2.86 12.47
CA LYS A 49 12.22 -1.55 13.01
C LYS A 49 12.72 -1.38 14.44
N GLU A 50 12.47 -2.40 15.25
CA GLU A 50 12.88 -2.36 16.65
C GLU A 50 14.40 -2.27 16.82
N ALA A 51 15.13 -3.01 16.01
CA ALA A 51 16.59 -2.97 16.05
C ALA A 51 17.07 -1.54 15.77
N ILE A 52 16.54 -0.94 14.71
CA ILE A 52 16.94 0.41 14.30
C ILE A 52 16.53 1.44 15.37
N LYS A 53 15.37 1.24 15.98
CA LYS A 53 14.93 2.11 17.09
C LYS A 53 15.96 2.08 18.24
N ASN A 54 16.57 0.92 18.44
CA ASN A 54 17.58 0.73 19.47
C ASN A 54 19.01 1.07 19.01
N GLY A 55 19.12 1.65 17.82
CA GLY A 55 20.40 2.15 17.31
C GLY A 55 21.21 1.14 16.51
N TYR A 56 20.62 -0.01 16.20
CA TYR A 56 21.33 -1.06 15.46
C TYR A 56 20.72 -1.30 14.08
N TYR A 57 21.53 -1.21 13.04
CA TYR A 57 21.09 -1.38 11.64
C TYR A 57 21.49 -2.75 11.10
N PRO A 58 20.52 -3.66 10.96
CA PRO A 58 20.91 -4.99 10.46
C PRO A 58 21.32 -4.94 8.99
N GLN A 59 22.55 -5.35 8.69
CA GLN A 59 23.08 -5.26 7.32
C GLN A 59 22.67 -6.48 6.51
N LEU A 60 21.38 -6.54 6.20
CA LEU A 60 20.75 -7.71 5.60
C LEU A 60 20.77 -7.69 4.05
N LEU A 61 21.11 -6.54 3.46
CA LEU A 61 21.17 -6.38 2.00
C LEU A 61 22.55 -5.84 1.57
N LYS A 62 23.60 -6.34 2.18
CA LYS A 62 24.93 -5.79 1.97
C LYS A 62 25.36 -5.90 0.50
N ASN A 63 25.73 -4.76 -0.07
CA ASN A 63 26.19 -4.63 -1.46
C ASN A 63 25.16 -4.94 -2.52
N LYS A 64 23.88 -5.04 -2.13
CA LYS A 64 22.80 -5.28 -3.08
C LYS A 64 22.29 -3.97 -3.67
N SER A 65 21.85 -4.04 -4.93
CA SER A 65 21.44 -2.87 -5.70
C SER A 65 20.01 -3.00 -6.15
N LEU A 66 19.23 -1.96 -5.86
CA LEU A 66 17.82 -1.88 -6.22
C LEU A 66 17.67 -0.84 -7.33
N GLY A 67 17.08 -1.24 -8.45
CA GLY A 67 16.70 -0.28 -9.50
C GLY A 67 15.33 0.27 -9.15
N MET A 68 15.19 1.60 -9.11
CA MET A 68 13.92 2.24 -8.73
C MET A 68 13.37 3.03 -9.91
N ILE A 69 12.38 2.48 -10.58
CA ILE A 69 11.80 3.12 -11.75
C ILE A 69 10.51 3.85 -11.37
N PHE A 70 10.49 5.17 -11.53
CA PHE A 70 9.31 5.98 -11.21
C PHE A 70 8.76 6.66 -12.43
N GLN A 71 7.52 6.33 -12.78
CA GLN A 71 6.81 6.98 -13.88
C GLN A 71 5.97 8.16 -13.37
N GLN A 72 5.89 8.30 -12.05
CA GLN A 72 5.14 9.36 -11.41
C GLN A 72 5.92 9.89 -10.22
N SER A 73 5.53 11.06 -9.73
CA SER A 73 6.13 11.65 -8.55
C SER A 73 5.85 10.81 -7.31
N SER A 74 6.72 10.95 -6.31
CA SER A 74 6.62 10.19 -5.08
C SER A 74 7.52 10.78 -4.01
N THR A 75 7.00 10.90 -2.80
CA THR A 75 7.82 11.22 -1.63
C THR A 75 8.03 9.96 -0.80
N ARG A 76 6.95 9.40 -0.27
CA ARG A 76 7.05 8.29 0.67
C ARG A 76 7.59 7.01 0.05
N THR A 77 7.08 6.62 -1.11
CA THR A 77 7.55 5.36 -1.72
C THR A 77 9.02 5.46 -2.12
N ARG A 78 9.38 6.53 -2.82
CA ARG A 78 10.74 6.67 -3.29
C ARG A 78 11.73 6.78 -2.14
N VAL A 79 11.45 7.66 -1.18
CA VAL A 79 12.38 7.85 -0.08
C VAL A 79 12.48 6.57 0.78
N SER A 80 11.35 5.89 0.97
CA SER A 80 11.36 4.62 1.72
C SER A 80 12.29 3.59 1.05
N PHE A 81 12.19 3.42 -0.26
CA PHE A 81 13.06 2.45 -0.93
C PHE A 81 14.53 2.87 -0.83
N GLU A 82 14.82 4.13 -1.05
CA GLU A 82 16.21 4.60 -1.08
C GLU A 82 16.82 4.52 0.33
N THR A 83 16.07 4.96 1.32
CA THR A 83 16.53 4.86 2.71
C THR A 83 16.66 3.41 3.18
N ALA A 84 15.68 2.58 2.84
CA ALA A 84 15.72 1.18 3.24
C ALA A 84 16.99 0.52 2.76
N MET A 85 17.37 0.76 1.51
CA MET A 85 18.56 0.12 0.97
C MET A 85 19.80 0.55 1.77
N GLU A 86 19.94 1.84 2.04
CA GLU A 86 21.09 2.32 2.80
C GLU A 86 21.14 1.71 4.19
N GLN A 87 19.99 1.72 4.86
CA GLN A 87 19.92 1.20 6.22
C GLN A 87 20.33 -0.26 6.32
N LEU A 88 20.02 -1.04 5.28
CA LEU A 88 20.29 -2.47 5.25
C LEU A 88 21.60 -2.84 4.55
N GLY A 89 22.40 -1.82 4.17
CA GLY A 89 23.73 -2.03 3.64
C GLY A 89 23.88 -2.14 2.13
N GLY A 90 22.82 -1.81 1.40
CA GLY A 90 22.81 -1.80 -0.05
C GLY A 90 22.58 -0.40 -0.57
N HIS A 91 22.05 -0.29 -1.78
CA HIS A 91 21.85 1.01 -2.41
C HIS A 91 20.68 0.96 -3.39
N GLY A 92 19.94 2.05 -3.45
CA GLY A 92 18.86 2.22 -4.43
C GLY A 92 19.21 3.25 -5.46
N GLU A 93 18.96 2.92 -6.72
CA GLU A 93 19.26 3.79 -7.85
C GLU A 93 17.97 4.41 -8.34
N TYR A 94 17.90 5.75 -8.35
CA TYR A 94 16.71 6.43 -8.80
C TYR A 94 16.73 6.60 -10.32
N LEU A 95 15.88 5.84 -10.97
CA LEU A 95 15.71 5.94 -12.40
C LEU A 95 14.45 6.80 -12.60
N ALA A 96 14.66 8.07 -12.95
CA ALA A 96 13.59 9.09 -12.97
C ALA A 96 12.61 8.90 -14.12
N PRO A 97 11.41 9.52 -14.03
CA PRO A 97 10.45 9.46 -15.12
C PRO A 97 11.09 9.81 -16.46
N GLY A 98 10.96 8.90 -17.42
CA GLY A 98 11.60 9.07 -18.73
C GLY A 98 13.10 8.87 -18.65
N ILE A 100 14.75 5.77 -18.18
CA ILE A 100 14.53 4.39 -18.60
C ILE A 100 13.03 4.12 -18.84
N GLN A 101 12.62 4.20 -20.10
CA GLN A 101 11.22 3.97 -20.48
C GLN A 101 10.90 2.48 -20.46
N LEU A 102 9.71 2.14 -19.95
CA LEU A 102 9.19 0.78 -20.02
C LEU A 102 8.34 0.66 -21.28
N GLY A 103 8.72 -0.23 -22.18
CA GLY A 103 8.17 -0.25 -23.53
C GLY A 103 8.78 0.90 -24.32
N GLY A 104 8.16 1.24 -25.45
CA GLY A 104 8.69 2.27 -26.33
C GLY A 104 9.66 1.68 -27.34
N HIS A 105 10.71 2.43 -27.67
CA HIS A 105 11.67 2.01 -28.70
C HIS A 105 12.34 0.69 -28.32
N GLU A 106 12.81 0.61 -27.08
CA GLU A 106 13.36 -0.63 -26.57
C GLU A 106 12.24 -1.43 -25.92
N THR A 107 12.11 -2.70 -26.30
CA THR A 107 11.03 -3.53 -25.80
C THR A 107 11.16 -3.82 -24.31
N ILE A 108 10.04 -4.09 -23.67
CA ILE A 108 10.02 -4.42 -22.25
C ILE A 108 10.82 -5.69 -21.97
N GLU A 109 10.78 -6.64 -22.90
CA GLU A 109 11.55 -7.89 -22.77
C GLU A 109 13.04 -7.56 -22.70
N ASP A 110 13.49 -6.65 -23.54
CA ASP A 110 14.91 -6.26 -23.54
C ASP A 110 15.30 -5.51 -22.28
N THR A 111 14.51 -4.54 -21.89
CA THR A 111 14.78 -3.76 -20.70
C THR A 111 14.83 -4.67 -19.47
N SER A 112 13.87 -5.60 -19.39
CA SER A 112 13.77 -6.50 -18.26
C SER A 112 14.97 -7.43 -18.15
N ARG A 113 15.39 -7.98 -19.30
CA ARG A 113 16.51 -8.92 -19.30
C ARG A 113 17.82 -8.20 -19.01
N VAL A 114 17.94 -6.98 -19.53
CA VAL A 114 19.14 -6.17 -19.28
C VAL A 114 19.24 -5.77 -17.82
N LEU A 115 18.17 -5.23 -17.24
CA LEU A 115 18.20 -4.85 -15.83
C LEU A 115 18.45 -6.05 -14.91
N SER A 116 17.97 -7.22 -15.32
CA SER A 116 18.18 -8.44 -14.53
C SER A 116 19.66 -8.78 -14.38
N ARG A 117 20.49 -8.32 -15.31
CA ARG A 117 21.93 -8.51 -15.22
C ARG A 117 22.67 -7.44 -14.44
N LEU A 118 22.02 -6.29 -14.22
CA LEU A 118 22.70 -5.09 -13.74
C LEU A 118 22.28 -4.60 -12.34
N VAL A 119 21.15 -5.09 -11.83
CA VAL A 119 20.76 -4.86 -10.43
C VAL A 119 20.25 -6.17 -9.85
N ASP A 120 20.07 -6.20 -8.53
CA ASP A 120 19.65 -7.42 -7.84
C ASP A 120 18.15 -7.53 -7.64
N ILE A 121 17.48 -6.38 -7.64
CA ILE A 121 16.06 -6.31 -7.36
C ILE A 121 15.53 -5.01 -7.98
N LEU A 122 14.27 -5.02 -8.38
CA LEU A 122 13.66 -3.89 -9.07
C LEU A 122 12.36 -3.51 -8.41
N MET A 123 12.07 -2.22 -8.40
CA MET A 123 10.71 -1.74 -8.17
C MET A 123 10.34 -0.76 -9.26
N ALA A 124 9.04 -0.57 -9.46
CA ALA A 124 8.56 0.41 -10.39
C ALA A 124 7.19 0.90 -9.97
N ARG A 125 7.03 2.21 -10.01
CA ARG A 125 5.74 2.87 -9.89
C ARG A 125 5.33 3.19 -11.31
N VAL A 126 4.19 2.64 -11.73
CA VAL A 126 3.81 2.64 -13.14
C VAL A 126 2.44 3.30 -13.36
N GLU A 127 2.28 3.92 -14.52
CA GLU A 127 1.00 4.50 -14.91
C GLU A 127 -0.06 3.42 -15.13
N ARG A 128 0.35 2.31 -15.75
CA ARG A 128 -0.56 1.24 -16.12
C ARG A 128 -0.07 -0.07 -15.53
N HIS A 129 -0.98 -0.81 -14.92
CA HIS A 129 -0.63 -2.04 -14.22
C HIS A 129 0.08 -3.05 -15.10
N HIS A 130 -0.28 -3.13 -16.38
CA HIS A 130 0.33 -4.15 -17.25
C HIS A 130 1.85 -3.96 -17.30
N SER A 131 2.32 -2.72 -17.13
CA SER A 131 3.76 -2.45 -17.17
C SER A 131 4.50 -3.17 -16.05
N ILE A 132 3.94 -3.18 -14.84
CA ILE A 132 4.60 -3.87 -13.73
C ILE A 132 4.48 -5.39 -13.91
N VAL A 133 3.34 -5.84 -14.41
CA VAL A 133 3.15 -7.27 -14.70
C VAL A 133 4.19 -7.74 -15.73
N ASP A 134 4.37 -6.94 -16.80
CA ASP A 134 5.31 -7.30 -17.87
C ASP A 134 6.74 -7.32 -17.35
N LEU A 135 7.09 -6.34 -16.52
CA LEU A 135 8.42 -6.26 -15.95
C LEU A 135 8.68 -7.50 -15.08
N ALA A 136 7.73 -7.84 -14.21
CA ALA A 136 7.85 -9.04 -13.36
C ALA A 136 7.97 -10.32 -14.19
N ASN A 137 7.14 -10.44 -15.23
CA ASN A 137 7.14 -11.64 -16.06
C ASN A 137 8.44 -11.83 -16.84
N CYS A 138 9.07 -10.72 -17.24
CA CYS A 138 10.25 -10.77 -18.11
C CYS A 138 11.57 -10.72 -17.34
N ALA A 139 11.55 -10.19 -16.12
CA ALA A 139 12.77 -10.10 -15.32
C ALA A 139 13.02 -11.41 -14.59
N THR A 140 14.29 -11.75 -14.41
CA THR A 140 14.68 -12.95 -13.67
C THR A 140 15.10 -12.62 -12.23
N ILE A 141 14.90 -11.37 -11.83
CA ILE A 141 15.13 -10.91 -10.46
C ILE A 141 13.78 -10.45 -9.87
N PRO A 142 13.70 -10.35 -8.53
CA PRO A 142 12.44 -9.92 -7.91
C PRO A 142 12.00 -8.53 -8.35
N VAL A 143 10.70 -8.39 -8.64
CA VAL A 143 10.12 -7.12 -9.04
C VAL A 143 9.02 -6.75 -8.06
N ILE A 144 9.05 -5.50 -7.60
CA ILE A 144 8.11 -4.95 -6.63
C ILE A 144 7.29 -3.82 -7.27
N ASN A 145 5.97 -3.91 -7.12
CA ASN A 145 5.03 -2.90 -7.56
C ASN A 145 5.00 -1.74 -6.56
N GLY A 146 5.49 -0.58 -6.99
CA GLY A 146 5.51 0.63 -6.15
C GLY A 146 4.29 1.52 -6.29
N MET A 147 3.24 0.95 -6.90
CA MET A 147 1.90 1.50 -7.14
C MET A 147 1.62 1.51 -8.64
N SER A 148 0.40 1.10 -8.99
CA SER A 148 -0.11 1.20 -10.34
C SER A 148 -1.50 1.81 -10.28
N ASP A 149 -2.20 1.80 -11.40
CA ASP A 149 -3.60 2.25 -11.43
C ASP A 149 -4.56 1.20 -10.84
N TYR A 150 -4.04 0.00 -10.54
CA TYR A 150 -4.84 -1.12 -10.06
C TYR A 150 -4.71 -1.31 -8.55
N ASN A 151 -3.48 -1.31 -8.05
CA ASN A 151 -3.24 -1.61 -6.64
C ASN A 151 -1.97 -0.97 -6.11
N HIS A 152 -1.68 -1.21 -4.84
CA HIS A 152 -0.58 -0.55 -4.15
C HIS A 152 -0.11 -1.45 -3.00
N PRO A 153 0.59 -2.55 -3.33
CA PRO A 153 0.81 -3.60 -2.34
C PRO A 153 1.82 -3.28 -1.22
N THR A 154 2.79 -2.40 -1.47
CA THR A 154 3.68 -1.99 -0.39
C THR A 154 2.92 -1.11 0.61
N GLN A 155 1.96 -0.33 0.13
CA GLN A 155 1.06 0.42 1.01
C GLN A 155 0.28 -0.55 1.90
N GLU A 156 -0.19 -1.65 1.33
CA GLU A 156 -0.91 -2.66 2.11
C GLU A 156 -0.09 -3.13 3.29
N LEU A 157 1.17 -3.49 3.03
CA LEU A 157 1.99 -4.03 4.10
C LEU A 157 2.31 -2.99 5.16
N GLY A 158 2.58 -1.75 4.75
CA GLY A 158 2.83 -0.68 5.70
C GLY A 158 1.59 -0.42 6.55
N ASP A 159 0.42 -0.41 5.89
CA ASP A 159 -0.84 -0.18 6.59
C ASP A 159 -1.14 -1.30 7.57
N LEU A 160 -0.84 -2.53 7.19
CA LEU A 160 -1.03 -3.67 8.09
C LEU A 160 -0.10 -3.58 9.29
N CYS A 161 1.18 -3.24 9.06
CA CYS A 161 2.09 -3.02 10.17
C CYS A 161 1.52 -1.97 11.14
N THR A 162 0.94 -0.92 10.58
CA THR A 162 0.40 0.18 11.36
C THR A 162 -0.81 -0.26 12.20
N MET A 163 -1.71 -1.02 11.59
CA MET A 163 -2.88 -1.53 12.31
C MET A 163 -2.50 -2.50 13.41
N VAL A 164 -1.49 -3.35 13.15
CA VAL A 164 -0.97 -4.24 14.19
C VAL A 164 -0.41 -3.44 15.37
N GLU A 165 0.39 -2.41 15.09
CA GLU A 165 0.97 -1.59 16.15
C GLU A 165 -0.09 -0.84 16.94
N HIS A 166 -1.18 -0.47 16.27
CA HIS A 166 -2.25 0.31 16.88
C HIS A 166 -3.51 -0.54 17.14
N LEU A 167 -3.33 -1.85 17.29
CA LEU A 167 -4.43 -2.75 17.61
C LEU A 167 -5.15 -2.25 18.86
N PRO A 168 -6.49 -2.10 18.78
CA PRO A 168 -7.26 -1.67 19.95
C PRO A 168 -7.13 -2.66 21.10
N GLU A 169 -7.13 -2.15 22.32
CA GLU A 169 -7.04 -2.97 23.53
C GLU A 169 -8.17 -3.99 23.55
N GLY A 170 -7.82 -5.24 23.84
CA GLY A 170 -8.81 -6.32 23.95
C GLY A 170 -9.40 -6.83 22.64
N LYS A 171 -8.84 -6.40 21.50
CA LYS A 171 -9.33 -6.84 20.19
C LYS A 171 -8.29 -7.65 19.44
N LYS A 172 -8.76 -8.69 18.75
CA LYS A 172 -7.96 -9.42 17.79
C LYS A 172 -7.95 -8.63 16.48
N LEU A 173 -6.89 -8.78 15.70
CA LEU A 173 -6.82 -8.15 14.39
C LEU A 173 -8.06 -8.46 13.56
N GLU A 174 -8.49 -9.73 13.59
CA GLU A 174 -9.59 -10.20 12.77
C GLU A 174 -10.93 -9.59 13.15
N ASP A 175 -11.05 -9.11 14.37
CA ASP A 175 -12.30 -8.49 14.80
C ASP A 175 -12.36 -7.00 14.52
N CYS A 176 -11.28 -6.44 13.98
CA CYS A 176 -11.26 -5.01 13.65
C CYS A 176 -12.11 -4.70 12.43
N LYS A 177 -12.66 -3.49 12.43
CA LYS A 177 -13.43 -2.95 11.33
C LYS A 177 -12.66 -1.80 10.71
N VAL A 178 -12.42 -1.89 9.42
CA VAL A 178 -11.65 -0.92 8.67
C VAL A 178 -12.55 -0.34 7.58
N VAL A 179 -12.78 0.97 7.63
CA VAL A 179 -13.68 1.62 6.69
C VAL A 179 -12.89 2.61 5.86
N PHE A 180 -12.89 2.41 4.55
CA PHE A 180 -12.31 3.36 3.63
C PHE A 180 -13.40 4.28 3.12
N VAL A 181 -13.14 5.59 3.19
CA VAL A 181 -14.11 6.60 2.80
C VAL A 181 -13.71 7.28 1.49
N GLY A 182 -14.65 7.40 0.56
CA GLY A 182 -14.46 8.21 -0.63
C GLY A 182 -14.36 7.42 -1.93
N ASP A 183 -13.35 7.78 -2.73
CA ASP A 183 -13.20 7.25 -4.09
C ASP A 183 -12.62 5.85 -4.09
N ALA A 184 -13.03 5.06 -5.07
CA ALA A 184 -12.49 3.71 -5.28
C ALA A 184 -11.10 3.78 -5.90
N THR A 185 -10.15 4.32 -5.15
CA THR A 185 -8.77 4.46 -5.62
C THR A 185 -8.08 3.10 -5.59
N GLN A 186 -6.91 3.01 -6.20
CA GLN A 186 -6.13 1.77 -6.08
C GLN A 186 -5.78 1.46 -4.63
N VAL A 187 -5.61 2.50 -3.82
CA VAL A 187 -5.35 2.33 -2.39
C VAL A 187 -6.58 1.78 -1.68
N CYS A 188 -7.77 2.28 -2.02
CA CYS A 188 -9.00 1.71 -1.50
C CYS A 188 -9.06 0.21 -1.75
N PHE A 189 -8.84 -0.19 -2.99
CA PHE A 189 -8.90 -1.60 -3.34
C PHE A 189 -7.85 -2.39 -2.59
N SER A 190 -6.63 -1.87 -2.58
CA SER A 190 -5.54 -2.52 -1.86
C SER A 190 -5.86 -2.71 -0.38
N LEU A 191 -6.44 -1.69 0.25
CA LEU A 191 -6.82 -1.82 1.66
C LEU A 191 -7.85 -2.94 1.83
N GLY A 192 -8.79 -3.02 0.90
CA GLY A 192 -9.74 -4.13 0.87
C GLY A 192 -9.04 -5.47 0.75
N LEU A 193 -8.07 -5.55 -0.14
CA LEU A 193 -7.33 -6.81 -0.34
C LEU A 193 -6.60 -7.26 0.91
N ILE A 194 -5.91 -6.35 1.58
CA ILE A 194 -5.11 -6.76 2.74
C ILE A 194 -5.99 -7.06 3.95
N THR A 195 -7.00 -6.23 4.20
CA THR A 195 -7.87 -6.47 5.34
C THR A 195 -8.60 -7.80 5.19
N THR A 196 -9.14 -8.08 4.00
CA THR A 196 -9.82 -9.35 3.77
C THR A 196 -8.86 -10.54 3.81
N LYS A 197 -7.64 -10.35 3.31
CA LYS A 197 -6.61 -11.42 3.39
C LYS A 197 -6.32 -11.79 4.85
N MET A 198 -6.34 -10.79 5.74
CA MET A 198 -6.02 -11.04 7.15
C MET A 198 -7.22 -11.44 7.99
N GLY A 199 -8.39 -11.55 7.36
CA GLY A 199 -9.60 -12.00 8.05
C GLY A 199 -10.35 -10.91 8.80
N MET A 200 -10.08 -9.66 8.43
CA MET A 200 -10.68 -8.50 9.08
C MET A 200 -11.99 -8.13 8.39
N ASN A 201 -12.62 -7.07 8.86
CA ASN A 201 -13.90 -6.60 8.33
C ASN A 201 -13.69 -5.28 7.64
N PHE A 202 -13.95 -5.27 6.32
CA PHE A 202 -13.68 -4.13 5.47
C PHE A 202 -14.98 -3.50 4.97
N VAL A 203 -15.00 -2.17 4.91
CA VAL A 203 -16.06 -1.45 4.24
C VAL A 203 -15.48 -0.38 3.31
N HIS A 204 -15.99 -0.33 2.08
CA HIS A 204 -15.80 0.86 1.26
C HIS A 204 -17.09 1.66 1.35
N PHE A 205 -17.00 2.81 2.02
CA PHE A 205 -18.06 3.81 2.07
C PHE A 205 -17.76 4.84 0.99
N GLY A 206 -18.50 4.77 -0.11
CA GLY A 206 -18.29 5.62 -1.28
C GLY A 206 -19.57 5.82 -2.06
N PRO A 207 -19.65 6.91 -2.85
CA PRO A 207 -20.88 7.22 -3.58
C PRO A 207 -21.02 6.34 -4.82
N GLU A 208 -22.25 6.07 -5.21
CA GLU A 208 -22.52 5.27 -6.39
C GLU A 208 -21.85 5.90 -7.61
N GLY A 209 -21.23 5.05 -8.42
CA GLY A 209 -20.42 5.50 -9.56
C GLY A 209 -18.94 5.60 -9.23
N PHE A 210 -18.61 5.59 -7.95
CA PHE A 210 -17.22 5.71 -7.47
C PHE A 210 -16.90 4.63 -6.42
N GLN A 211 -17.63 3.52 -6.49
CA GLN A 211 -17.46 2.41 -5.57
C GLN A 211 -16.59 1.33 -6.20
N LEU A 212 -15.95 0.51 -5.36
CA LEU A 212 -15.26 -0.68 -5.86
C LEU A 212 -16.24 -1.44 -6.74
N ASN A 213 -15.75 -1.90 -7.89
CA ASN A 213 -16.61 -2.47 -8.91
C ASN A 213 -16.87 -3.96 -8.66
N GLU A 214 -17.66 -4.58 -9.54
CA GLU A 214 -18.05 -5.97 -9.37
C GLU A 214 -16.84 -6.90 -9.31
N GLU A 215 -15.84 -6.64 -10.14
CA GLU A 215 -14.65 -7.47 -10.22
C GLU A 215 -13.80 -7.30 -8.94
N HIS A 216 -13.69 -6.07 -8.46
CA HIS A 216 -13.01 -5.82 -7.19
C HIS A 216 -13.68 -6.64 -6.09
N GLN A 217 -15.00 -6.54 -6.02
CA GLN A 217 -15.74 -7.17 -4.95
C GLN A 217 -15.66 -8.70 -5.02
N ALA A 218 -15.66 -9.26 -6.23
CA ALA A 218 -15.46 -10.70 -6.40
C ALA A 218 -14.13 -11.14 -5.80
N LYS A 219 -13.08 -10.33 -5.96
CA LYS A 219 -11.78 -10.63 -5.38
C LYS A 219 -11.81 -10.54 -3.85
N LEU A 220 -12.54 -9.57 -3.32
CA LEU A 220 -12.68 -9.46 -1.87
C LEU A 220 -13.43 -10.67 -1.31
N ALA A 221 -14.47 -11.11 -2.01
CA ALA A 221 -15.24 -12.28 -1.58
C ALA A 221 -14.36 -13.52 -1.58
N LYS A 222 -13.51 -13.65 -2.60
CA LYS A 222 -12.58 -14.78 -2.71
C LYS A 222 -11.62 -14.80 -1.52
N ASN A 223 -11.10 -13.63 -1.13
CA ASN A 223 -10.25 -13.53 0.06
C ASN A 223 -11.02 -13.97 1.31
N CYS A 224 -12.27 -13.53 1.44
CA CYS A 224 -13.07 -13.84 2.61
C CYS A 224 -13.45 -15.32 2.72
N GLU A 225 -13.58 -15.99 1.57
CA GLU A 225 -13.88 -17.43 1.54
C GLU A 225 -12.83 -18.20 2.35
N VAL A 226 -11.58 -17.78 2.20
CA VAL A 226 -10.46 -18.37 2.93
C VAL A 226 -10.34 -17.83 4.35
N SER A 227 -10.48 -16.52 4.51
CA SER A 227 -10.08 -15.85 5.74
C SER A 227 -11.17 -15.74 6.80
N GLY A 228 -12.43 -15.84 6.40
CA GLY A 228 -13.54 -15.61 7.32
C GLY A 228 -13.81 -14.15 7.61
N GLY A 229 -13.11 -13.26 6.92
CA GLY A 229 -13.34 -11.82 7.03
C GLY A 229 -14.62 -11.44 6.32
N SER A 230 -14.88 -10.14 6.24
CA SER A 230 -16.10 -9.63 5.59
C SER A 230 -15.78 -8.39 4.78
N PHE A 231 -16.65 -8.07 3.84
CA PHE A 231 -16.53 -6.84 3.08
C PHE A 231 -17.91 -6.32 2.70
N LEU A 232 -18.01 -5.01 2.61
CA LEU A 232 -19.24 -4.33 2.22
C LEU A 232 -18.84 -3.09 1.44
N VAL A 233 -19.57 -2.83 0.35
CA VAL A 233 -19.39 -1.61 -0.44
C VAL A 233 -20.74 -0.90 -0.42
N THR A 234 -20.76 0.33 0.06
CA THR A 234 -22.02 0.99 0.37
C THR A 234 -21.89 2.51 0.36
N ASP A 235 -23.01 3.19 0.12
CA ASP A 235 -23.11 4.64 0.26
C ASP A 235 -23.88 5.05 1.53
N ASP A 236 -24.05 4.10 2.46
CA ASP A 236 -24.74 4.35 3.72
C ASP A 236 -23.78 4.96 4.74
N ALA A 237 -24.06 6.20 5.14
CA ALA A 237 -23.18 6.95 6.06
C ALA A 237 -23.05 6.27 7.43
N SER A 238 -24.02 5.44 7.79
CA SER A 238 -23.97 4.72 9.07
C SER A 238 -22.89 3.64 9.07
N SER A 239 -22.33 3.32 7.90
CA SER A 239 -21.30 2.29 7.80
C SER A 239 -20.02 2.61 8.56
N VAL A 240 -19.76 3.88 8.86
CA VAL A 240 -18.55 4.25 9.60
C VAL A 240 -18.65 3.85 11.08
N GLU A 241 -19.86 3.62 11.57
CA GLU A 241 -20.09 3.37 12.99
C GLU A 241 -19.38 2.10 13.45
N GLY A 242 -18.59 2.22 14.52
CA GLY A 242 -17.82 1.09 15.03
C GLY A 242 -16.49 0.81 14.33
N ALA A 243 -16.09 1.66 13.38
CA ALA A 243 -14.79 1.51 12.75
C ALA A 243 -13.67 1.62 13.77
N ASP A 244 -12.69 0.73 13.66
CA ASP A 244 -11.46 0.83 14.44
C ASP A 244 -10.43 1.67 13.71
N PHE A 245 -10.47 1.63 12.39
CA PHE A 245 -9.63 2.43 11.51
C PHE A 245 -10.50 3.03 10.43
N LEU A 246 -10.34 4.33 10.22
CA LEU A 246 -11.09 5.07 9.22
C LEU A 246 -10.07 5.69 8.30
N TYR A 247 -10.11 5.32 7.02
CA TYR A 247 -9.04 5.57 6.06
C TYR A 247 -9.59 6.36 4.88
N THR A 248 -8.82 7.31 4.37
CA THR A 248 -9.23 7.98 3.14
C THR A 248 -8.06 8.30 2.22
N ASP A 249 -8.36 8.94 1.09
CA ASP A 249 -7.39 9.21 0.01
C ASP A 249 -7.99 10.39 -0.76
N VAL A 250 -7.20 10.94 -1.68
CA VAL A 250 -7.62 12.08 -2.49
C VAL A 250 -8.81 11.75 -3.39
N TRP A 251 -9.44 12.81 -3.88
CA TRP A 251 -10.65 12.69 -4.69
C TRP A 251 -10.42 12.93 -6.17
N TYR A 252 -9.22 13.38 -6.54
CA TYR A 252 -9.01 13.83 -7.92
C TYR A 252 -8.68 12.75 -8.94
N GLY A 253 -8.61 11.48 -8.51
CA GLY A 253 -8.45 10.39 -9.44
C GLY A 253 -6.99 10.13 -9.81
N LEU A 254 -6.78 9.68 -11.04
CA LEU A 254 -5.47 9.21 -11.51
C LEU A 254 -4.62 10.33 -12.10
N TYR A 255 -3.30 10.17 -11.98
CA TYR A 255 -2.35 11.19 -12.39
C TYR A 255 -2.54 11.68 -13.82
N GLU A 256 -2.96 10.80 -14.72
CA GLU A 256 -3.10 11.18 -16.13
C GLU A 256 -4.41 11.91 -16.44
N ALA A 257 -5.40 11.85 -15.55
CA ALA A 257 -6.74 12.39 -15.84
C ALA A 257 -7.50 12.84 -14.59
N GLU A 258 -7.00 13.89 -13.94
CA GLU A 258 -7.55 14.38 -12.67
C GLU A 258 -8.95 15.00 -12.83
N LEU A 259 -9.83 14.77 -11.85
CA LEU A 259 -11.05 15.57 -11.71
C LEU A 259 -10.67 16.94 -11.19
N SER A 260 -11.33 17.98 -11.67
CA SER A 260 -11.08 19.33 -11.17
C SER A 260 -11.65 19.48 -9.76
N GLU A 261 -11.29 20.56 -9.08
CA GLU A 261 -11.81 20.83 -7.74
C GLU A 261 -13.34 20.84 -7.75
N GLU A 262 -13.93 21.61 -8.66
CA GLU A 262 -15.39 21.67 -8.78
C GLU A 262 -16.01 20.29 -9.03
N GLU A 263 -15.40 19.50 -9.93
CA GLU A 263 -15.95 18.20 -10.30
C GLU A 263 -15.93 17.22 -9.13
N ARG A 264 -14.81 17.18 -8.41
CA ARG A 264 -14.66 16.24 -7.31
C ARG A 264 -15.46 16.66 -6.06
N MET A 265 -15.52 17.97 -5.80
CA MET A 265 -16.37 18.48 -4.72
C MET A 265 -17.83 18.12 -5.00
N LYS A 266 -18.25 18.24 -6.26
CA LYS A 266 -19.63 17.90 -6.63
C LYS A 266 -19.95 16.44 -6.33
N VAL A 267 -18.99 15.54 -6.55
CA VAL A 267 -19.20 14.12 -6.30
C VAL A 267 -19.18 13.77 -4.81
N PHE A 268 -18.19 14.30 -4.08
CA PHE A 268 -17.86 13.78 -2.75
C PHE A 268 -18.20 14.66 -1.54
N TYR A 269 -18.34 15.96 -1.75
CA TYR A 269 -18.46 16.89 -0.61
C TYR A 269 -19.92 17.25 -0.33
N PRO A 270 -20.30 17.29 0.96
CA PRO A 270 -19.52 17.04 2.17
C PRO A 270 -19.61 15.64 2.73
N LYS A 271 -20.47 14.81 2.12
CA LYS A 271 -20.79 13.49 2.68
C LYS A 271 -19.56 12.64 2.96
N TYR A 272 -18.57 12.72 2.08
CA TYR A 272 -17.37 11.89 2.19
C TYR A 272 -16.17 12.59 2.80
N GLN A 273 -16.38 13.80 3.32
CA GLN A 273 -15.31 14.47 4.05
C GLN A 273 -15.15 13.85 5.44
N VAL A 274 -13.95 13.36 5.73
CA VAL A 274 -13.65 12.88 7.06
C VAL A 274 -13.37 14.09 7.96
N ASN A 275 -14.37 14.43 8.76
CA ASN A 275 -14.29 15.52 9.73
C ASN A 275 -14.48 14.98 11.15
N GLN A 276 -14.38 15.86 12.13
CA GLN A 276 -14.43 15.41 13.52
C GLN A 276 -15.77 14.73 13.84
N GLU A 277 -16.86 15.22 13.25
CA GLU A 277 -18.18 14.62 13.43
C GLU A 277 -18.22 13.16 12.96
N MET A 278 -17.57 12.88 11.82
CA MET A 278 -17.52 11.52 11.30
C MET A 278 -16.69 10.61 12.22
N MET A 279 -15.55 11.12 12.69
CA MET A 279 -14.71 10.38 13.63
C MET A 279 -15.47 10.10 14.92
N ASP A 280 -16.20 11.10 15.45
CA ASP A 280 -17.02 10.94 16.67
C ASP A 280 -18.06 9.84 16.48
N ARG A 281 -18.63 9.76 15.28
CA ARG A 281 -19.64 8.78 14.93
C ARG A 281 -19.03 7.38 14.79
N ALA A 282 -17.85 7.32 14.19
CA ALA A 282 -17.11 6.06 14.05
C ALA A 282 -16.81 5.49 15.41
N GLY A 283 -16.24 6.33 16.27
CA GLY A 283 -15.99 5.96 17.65
C GLY A 283 -14.81 6.71 18.25
N ALA A 284 -14.84 6.87 19.57
CA ALA A 284 -13.86 7.70 20.27
C ALA A 284 -12.41 7.24 20.12
N ASN A 285 -12.22 5.95 19.92
CA ASN A 285 -10.87 5.41 19.77
C ASN A 285 -10.53 5.04 18.34
N CYS A 286 -11.42 5.36 17.41
CA CYS A 286 -11.16 5.09 15.99
C CYS A 286 -9.95 5.91 15.53
N LYS A 287 -9.03 5.27 14.81
CA LYS A 287 -7.83 5.94 14.33
C LYS A 287 -8.00 6.33 12.88
N PHE A 288 -7.51 7.52 12.55
CA PHE A 288 -7.56 8.03 11.18
C PHE A 288 -6.29 7.69 10.40
N MET A 289 -6.49 7.20 9.18
CA MET A 289 -5.42 6.80 8.27
C MET A 289 -5.63 7.48 6.91
N HIS A 290 -4.52 7.73 6.23
CA HIS A 290 -4.52 8.35 4.91
C HIS A 290 -3.15 8.02 4.34
N CYS A 291 -3.10 7.51 3.11
CA CYS A 291 -1.83 7.16 2.47
C CYS A 291 -0.93 8.37 2.22
N LEU A 292 -1.56 9.53 2.04
CA LEU A 292 -0.89 10.79 1.72
C LEU A 292 -0.38 10.75 0.28
N PRO A 293 -0.17 11.92 -0.35
CA PRO A 293 -0.47 13.25 0.16
C PRO A 293 -1.98 13.47 0.34
N ALA A 294 -2.32 14.30 1.31
CA ALA A 294 -3.73 14.66 1.57
C ALA A 294 -4.04 16.05 1.06
N THR A 295 -5.24 16.22 0.53
CA THR A 295 -5.78 17.52 0.22
C THR A 295 -6.60 18.00 1.40
N ARG A 296 -5.97 18.74 2.29
CA ARG A 296 -6.67 19.24 3.46
C ARG A 296 -7.84 20.13 3.03
N GLY A 297 -8.99 19.89 3.66
CA GLY A 297 -10.21 20.60 3.32
C GLY A 297 -11.08 19.89 2.31
N GLU A 298 -10.59 18.79 1.74
CA GLU A 298 -11.40 17.96 0.86
C GLU A 298 -11.74 16.67 1.60
N GLU A 299 -10.99 15.60 1.36
CA GLU A 299 -11.28 14.30 1.98
C GLU A 299 -11.08 14.27 3.49
N VAL A 300 -10.29 15.19 4.03
CA VAL A 300 -10.06 15.26 5.48
C VAL A 300 -9.88 16.70 5.92
N THR A 301 -10.34 17.04 7.11
CA THR A 301 -10.13 18.37 7.67
C THR A 301 -8.82 18.42 8.44
N ASP A 302 -8.25 19.62 8.56
CA ASP A 302 -7.05 19.85 9.38
C ASP A 302 -7.21 19.25 10.76
N GLU A 303 -8.38 19.48 11.36
CA GLU A 303 -8.67 19.03 12.73
C GLU A 303 -8.47 17.53 12.92
N VAL A 304 -8.89 16.74 11.94
CA VAL A 304 -8.76 15.28 12.03
C VAL A 304 -7.33 14.82 11.78
N ILE A 305 -6.74 15.26 10.68
CA ILE A 305 -5.41 14.77 10.29
C ILE A 305 -4.31 15.18 11.29
N ASP A 306 -4.49 16.32 11.94
CA ASP A 306 -3.56 16.81 12.97
C ASP A 306 -4.01 16.46 14.39
N GLY A 307 -5.12 15.75 14.50
CA GLY A 307 -5.73 15.46 15.79
C GLY A 307 -5.15 14.26 16.49
N LYS A 308 -5.62 14.06 17.72
CA LYS A 308 -5.07 13.06 18.63
C LYS A 308 -5.24 11.63 18.13
N ASN A 309 -6.24 11.39 17.28
CA ASN A 309 -6.52 10.04 16.77
C ASN A 309 -5.96 9.79 15.36
N SER A 310 -5.19 10.75 14.83
CA SER A 310 -4.53 10.54 13.56
C SER A 310 -3.27 9.70 13.72
N ILE A 311 -3.16 8.64 12.92
CA ILE A 311 -1.94 7.81 12.90
C ILE A 311 -1.28 7.85 11.52
N CYS A 312 -1.62 8.85 10.71
CA CYS A 312 -1.10 8.87 9.34
C CYS A 312 0.41 9.10 9.24
N PHE A 313 1.02 9.71 10.25
CA PHE A 313 2.46 9.90 10.22
C PHE A 313 3.20 8.65 10.68
N ASP A 314 2.65 7.95 11.68
CA ASP A 314 3.11 6.59 11.98
C ASP A 314 2.98 5.68 10.76
N GLU A 315 1.87 5.83 10.04
CA GLU A 315 1.57 5.05 8.86
C GLU A 315 2.62 5.36 7.77
N ALA A 316 2.96 6.64 7.59
CA ALA A 316 3.98 7.02 6.61
C ALA A 316 5.33 6.44 6.98
N GLU A 317 5.69 6.49 8.26
CA GLU A 317 6.92 5.86 8.71
C GLU A 317 6.92 4.38 8.32
N ASN A 318 5.77 3.73 8.45
CA ASN A 318 5.68 2.31 8.18
C ASN A 318 5.72 1.95 6.70
N ARG A 319 5.69 2.95 5.82
CA ARG A 319 6.05 2.69 4.42
C ARG A 319 7.50 2.18 4.37
N LEU A 320 8.37 2.79 5.17
CA LEU A 320 9.77 2.38 5.26
C LEU A 320 9.89 1.08 6.04
N THR A 321 9.15 0.96 7.14
CA THR A 321 9.15 -0.26 7.94
C THR A 321 8.87 -1.48 7.06
N SER A 322 7.80 -1.40 6.29
CA SER A 322 7.36 -2.52 5.47
C SER A 322 8.28 -2.80 4.29
N ILE A 323 8.80 -1.73 3.67
CA ILE A 323 9.70 -1.91 2.54
C ILE A 323 11.01 -2.61 2.97
N ARG A 324 11.53 -2.28 4.15
CA ARG A 324 12.72 -2.99 4.64
C ARG A 324 12.46 -4.49 4.74
N GLY A 325 11.36 -4.87 5.37
CA GLY A 325 11.05 -6.29 5.54
C GLY A 325 10.83 -6.99 4.21
N LEU A 326 10.14 -6.33 3.30
CA LEU A 326 9.84 -6.90 1.99
C LEU A 326 11.12 -7.14 1.18
N LEU A 327 11.99 -6.14 1.14
CA LEU A 327 13.25 -6.27 0.41
C LEU A 327 14.05 -7.47 0.91
N VAL A 328 14.17 -7.59 2.23
CA VAL A 328 14.90 -8.70 2.83
C VAL A 328 14.25 -10.04 2.51
N TYR A 329 12.92 -10.10 2.63
CA TYR A 329 12.17 -11.33 2.35
C TYR A 329 12.42 -11.80 0.92
N LEU A 330 12.31 -10.87 -0.03
CA LEU A 330 12.47 -11.22 -1.45
C LEU A 330 13.91 -11.57 -1.80
N MET A 331 14.87 -10.87 -1.21
CA MET A 331 16.27 -11.22 -1.46
C MET A 331 16.65 -12.55 -0.83
N ASN A 332 16.12 -12.84 0.36
CA ASN A 332 16.33 -14.16 0.99
C ASN A 332 15.75 -15.28 0.13
N ASP A 333 14.55 -15.04 -0.40
CA ASP A 333 13.89 -16.01 -1.28
C ASP A 333 14.74 -16.25 -2.52
N TYR A 334 15.27 -15.19 -3.10
CA TYR A 334 16.10 -15.28 -4.28
C TYR A 334 17.36 -16.11 -4.00
N GLU A 335 18.00 -15.82 -2.88
CA GLU A 335 19.22 -16.53 -2.50
C GLU A 335 18.95 -18.02 -2.23
N ALA A 336 17.78 -18.32 -1.66
CA ALA A 336 17.37 -19.71 -1.40
C ALA A 336 17.19 -20.50 -2.69
N LYS A 337 16.68 -19.83 -3.73
CA LYS A 337 16.42 -20.45 -5.02
C LYS A 337 17.62 -20.46 -5.95
N ASN A 338 18.63 -19.65 -5.64
CA ASN A 338 19.82 -19.54 -6.46
C ASN A 338 21.09 -19.72 -5.61
N PRO A 339 21.25 -20.91 -5.01
CA PRO A 339 22.43 -21.15 -4.17
C PRO A 339 23.70 -21.27 -5.00
#